data_8H6P
#
_entry.id   8H6P
#
_cell.length_a   101.588
_cell.length_b   101.588
_cell.length_c   152.425
_cell.angle_alpha   90.00
_cell.angle_beta   90.00
_cell.angle_gamma   90.00
#
_symmetry.space_group_name_H-M   'P 41 21 2'
#
loop_
_entity.id
_entity.type
_entity.pdbx_description
1 polymer 'Cyclin-dependent kinase 2'
2 polymer 'G1/S-specific cyclin-E1'
3 non-polymer (7S,10R)-11-oxa-2,4,5,13,17,23-hexaazatetracyclo[17.3.1.1~3,6~.1~7,10~]pentacosa-1(23),3(25),5,19,21-pentaene-12,18-dione
4 water water
#
loop_
_entity_poly.entity_id
_entity_poly.type
_entity_poly.pdbx_seq_one_letter_code
_entity_poly.pdbx_strand_id
1 'polypeptide(L)'
;PMENFQKVEKIGEGTYGVVYKARNKLTGEVVALKKIRLDTETEGVPSTAIREISLLKELNHPNIVKLLDVIHTENKLYLV
FEFLHQDLKKFMDASALTGIPLPLIKSYLFQLLQGLAFCHSHRVLHRDLKPQNLLINTEGAIKLADFGLARAFGVPVRTY
(TPO)HEVVTLWYRAPEILLGCKYYSTAVDIWSLGCIFAEMVTRRALFPGDSEIDQLFRIFRTLGTPDEVVWPGVTSMPD
YKPSFPKWARQDFSKVVPPLDEDGRSLLSQMLHYDPNKRISAKAALAHPFFQDVTKPVPHLR
;
A
2 'polypeptide(L)'
;SPLPVLSWANREEVWKIMLNKEKTYLRDQHFLEQHPLLQPKMRAILLDWLMEVCEVYKLHRETFYLAQDFFDRYMATQEN
VVKTLLQLIGISSLFIAAKLEEIYPPKLHQFAYVTDGACSGDEILTMELMIMKALKWRLSPLTIVSWLNVYMQVAYLNDL
HEVLLPQYPQQIFIQIAELLDLCVLDVDCLEFPYGILAASALYHFSSSELMQKVSGYQWCDIENCVKWMVPFAMVIRETG
SSKLKHFRGVADEDAHNIQTHRDSLDLLDKA
;
B
#
# COMPACT_ATOMS: atom_id res chain seq x y z
N PRO A 1 -1.41 -25.36 18.99
CA PRO A 1 -0.68 -25.01 17.75
C PRO A 1 -1.51 -25.40 16.51
N MET A 2 -0.92 -26.08 15.53
CA MET A 2 -1.66 -26.71 14.41
C MET A 2 -2.51 -27.83 15.01
N GLU A 3 -3.79 -27.52 15.25
CA GLU A 3 -4.73 -28.31 16.09
C GLU A 3 -5.48 -29.29 15.18
N ASN A 4 -6.48 -28.76 14.46
CA ASN A 4 -7.60 -29.54 13.84
C ASN A 4 -7.39 -29.62 12.32
N PHE A 5 -6.14 -29.43 11.88
CA PHE A 5 -5.72 -29.23 10.46
C PHE A 5 -5.07 -30.49 9.90
N GLN A 6 -5.80 -31.18 9.03
CA GLN A 6 -5.23 -32.34 8.30
C GLN A 6 -4.88 -31.85 6.89
N LYS A 7 -3.60 -31.90 6.51
CA LYS A 7 -3.19 -31.67 5.10
C LYS A 7 -3.83 -32.75 4.19
N VAL A 8 -4.45 -32.35 3.08
CA VAL A 8 -5.18 -33.20 2.09
C VAL A 8 -4.47 -33.26 0.72
N GLU A 9 -3.88 -32.17 0.20
CA GLU A 9 -2.97 -32.20 -0.98
C GLU A 9 -2.17 -30.89 -1.07
N LYS A 10 -0.90 -30.98 -1.47
CA LYS A 10 -0.09 -29.82 -1.92
C LYS A 10 -0.79 -29.19 -3.13
N ILE A 11 -1.21 -27.93 -3.02
CA ILE A 11 -1.82 -27.15 -4.12
C ILE A 11 -0.72 -26.53 -4.98
N GLY A 12 0.47 -26.21 -4.41
CA GLY A 12 1.61 -25.74 -5.20
C GLY A 12 2.76 -25.15 -4.40
N GLU A 13 3.88 -24.94 -5.10
CA GLU A 13 5.03 -24.10 -4.65
C GLU A 13 5.45 -23.17 -5.79
N GLY A 14 5.56 -21.84 -5.59
CA GLY A 14 5.99 -20.98 -6.72
C GLY A 14 6.01 -19.48 -6.51
N THR A 15 6.81 -18.98 -5.56
CA THR A 15 7.04 -17.53 -5.25
C THR A 15 6.12 -17.10 -4.09
N TYR A 16 4.81 -17.41 -4.20
CA TYR A 16 3.82 -17.33 -3.09
C TYR A 16 4.27 -18.18 -1.89
N GLY A 17 5.08 -19.24 -2.08
CA GLY A 17 5.60 -20.13 -1.03
C GLY A 17 5.11 -21.57 -1.23
N VAL A 18 4.95 -22.36 -0.15
CA VAL A 18 4.32 -23.72 -0.19
C VAL A 18 2.89 -23.63 0.34
N VAL A 19 1.89 -24.06 -0.45
CA VAL A 19 0.46 -24.01 -0.08
C VAL A 19 -0.23 -25.39 -0.15
N TYR A 20 -0.87 -25.80 0.95
CA TYR A 20 -1.66 -27.08 1.03
C TYR A 20 -3.15 -26.78 1.23
N LYS A 21 -3.99 -27.58 0.58
CA LYS A 21 -5.42 -27.81 0.94
C LYS A 21 -5.42 -28.54 2.27
N ALA A 22 -6.22 -28.07 3.23
CA ALA A 22 -6.35 -28.69 4.57
C ALA A 22 -7.83 -28.78 4.93
N ARG A 23 -8.18 -29.75 5.78
CA ARG A 23 -9.56 -29.98 6.29
C ARG A 23 -9.54 -29.75 7.80
N ASN A 24 -10.53 -29.02 8.31
CA ASN A 24 -10.88 -29.02 9.75
C ASN A 24 -11.79 -30.23 9.96
N LYS A 25 -11.19 -31.42 10.18
CA LYS A 25 -11.89 -32.74 10.14
C LYS A 25 -12.92 -32.88 11.27
N LEU A 26 -12.86 -32.01 12.29
CA LEU A 26 -13.96 -31.77 13.28
C LEU A 26 -15.18 -31.19 12.56
N THR A 27 -14.95 -30.25 11.63
CA THR A 27 -15.95 -29.32 11.03
C THR A 27 -16.24 -29.62 9.55
N GLY A 28 -15.36 -30.33 8.85
CA GLY A 28 -15.40 -30.50 7.37
C GLY A 28 -15.15 -29.17 6.67
N GLU A 29 -14.53 -28.24 7.39
CA GLU A 29 -14.17 -26.85 6.96
C GLU A 29 -12.83 -26.92 6.23
N VAL A 30 -12.84 -26.64 4.92
CA VAL A 30 -11.65 -26.72 4.02
C VAL A 30 -10.99 -25.34 3.95
N VAL A 31 -9.70 -25.27 4.29
CA VAL A 31 -8.85 -24.04 4.18
C VAL A 31 -7.68 -24.28 3.23
N ALA A 32 -7.09 -23.17 2.77
CA ALA A 32 -5.75 -23.14 2.15
C ALA A 32 -4.74 -22.74 3.23
N LEU A 33 -3.69 -23.51 3.38
CA LEU A 33 -2.65 -23.24 4.39
C LEU A 33 -1.34 -22.88 3.64
N LYS A 34 -0.79 -21.68 3.86
CA LYS A 34 0.52 -21.22 3.31
C LYS A 34 1.57 -21.37 4.40
N LYS A 35 2.63 -22.15 4.17
CA LYS A 35 3.64 -22.49 5.20
C LYS A 35 4.90 -21.67 4.94
N ILE A 36 5.40 -20.97 5.95
CA ILE A 36 6.64 -20.14 5.89
C ILE A 36 7.59 -20.73 6.91
N ARG A 37 8.69 -21.31 6.42
CA ARG A 37 9.83 -21.85 7.23
C ARG A 37 10.59 -20.65 7.80
N LEU A 38 10.40 -20.32 9.08
CA LEU A 38 11.10 -19.14 9.67
C LEU A 38 12.61 -19.44 9.79
N ASP A 39 12.96 -20.61 10.36
CA ASP A 39 14.33 -21.15 10.55
C ASP A 39 15.22 -20.84 9.34
N THR A 40 14.80 -21.14 8.10
CA THR A 40 15.61 -20.92 6.86
C THR A 40 15.51 -19.45 6.42
N GLU A 41 14.95 -18.55 7.24
CA GLU A 41 14.69 -17.13 6.86
C GLU A 41 15.64 -16.21 7.63
N THR A 42 16.79 -15.91 7.00
CA THR A 42 17.83 -14.95 7.43
C THR A 42 17.18 -13.70 8.03
N GLU A 43 16.28 -13.04 7.29
CA GLU A 43 15.79 -11.65 7.54
C GLU A 43 14.48 -11.71 8.31
N GLY A 44 14.14 -12.89 8.82
CA GLY A 44 12.96 -13.07 9.67
C GLY A 44 11.72 -13.05 8.84
N VAL A 45 10.56 -12.89 9.48
CA VAL A 45 9.30 -12.86 8.70
C VAL A 45 9.61 -12.04 7.44
N PRO A 46 9.50 -12.65 6.24
CA PRO A 46 9.71 -11.97 4.97
C PRO A 46 8.86 -10.71 4.76
N SER A 47 9.49 -9.67 4.22
CA SER A 47 8.87 -8.35 3.98
C SER A 47 7.53 -8.56 3.25
N THR A 48 7.52 -9.40 2.22
CA THR A 48 6.34 -9.73 1.40
C THR A 48 5.22 -10.40 2.22
N ALA A 49 5.55 -11.13 3.29
CA ALA A 49 4.57 -11.81 4.16
C ALA A 49 4.01 -10.79 5.15
N ILE A 50 4.86 -9.90 5.69
CA ILE A 50 4.36 -8.81 6.59
C ILE A 50 3.39 -7.92 5.81
N ARG A 51 3.77 -7.51 4.61
CA ARG A 51 2.89 -6.64 3.81
C ARG A 51 1.60 -7.39 3.47
N GLU A 52 1.69 -8.66 3.07
CA GLU A 52 0.44 -9.31 2.57
C GLU A 52 -0.57 -9.50 3.73
N ILE A 53 -0.08 -9.83 4.92
CA ILE A 53 -0.96 -10.14 6.08
C ILE A 53 -1.68 -8.83 6.47
N SER A 54 -0.92 -7.74 6.70
CA SER A 54 -1.54 -6.46 7.15
C SER A 54 -2.50 -6.01 6.06
N LEU A 55 -2.06 -5.99 4.81
CA LEU A 55 -3.02 -5.60 3.74
C LEU A 55 -4.28 -6.48 3.88
N LEU A 56 -4.19 -7.80 3.89
CA LEU A 56 -5.43 -8.62 3.73
C LEU A 56 -6.32 -8.50 4.99
N LYS A 57 -5.76 -8.32 6.18
CA LYS A 57 -6.57 -8.01 7.38
C LYS A 57 -7.61 -6.96 7.01
N GLU A 58 -7.17 -5.83 6.45
CA GLU A 58 -8.01 -4.63 6.23
C GLU A 58 -8.69 -4.65 4.85
N LEU A 59 -8.51 -5.72 4.08
CA LEU A 59 -9.20 -5.94 2.79
C LEU A 59 -10.13 -7.14 2.95
N ASN A 60 -11.25 -6.93 3.64
CA ASN A 60 -12.40 -7.87 3.70
C ASN A 60 -13.41 -7.49 2.62
N HIS A 61 -13.50 -8.32 1.59
CA HIS A 61 -14.44 -8.14 0.47
C HIS A 61 -14.74 -9.50 -0.13
N PRO A 62 -15.98 -9.73 -0.69
CA PRO A 62 -16.36 -11.02 -1.27
C PRO A 62 -15.49 -11.51 -2.45
N ASN A 63 -14.83 -10.58 -3.14
CA ASN A 63 -14.05 -10.85 -4.38
C ASN A 63 -12.55 -10.77 -4.06
N ILE A 64 -12.21 -10.84 -2.79
CA ILE A 64 -10.81 -10.92 -2.29
C ILE A 64 -10.70 -12.16 -1.39
N VAL A 65 -9.83 -13.10 -1.72
CA VAL A 65 -9.63 -14.35 -0.94
C VAL A 65 -9.22 -14.02 0.50
N LYS A 66 -10.05 -14.37 1.49
CA LYS A 66 -9.91 -13.91 2.91
C LYS A 66 -8.73 -14.60 3.57
N LEU A 67 -8.01 -13.85 4.41
CA LEU A 67 -7.03 -14.36 5.40
C LEU A 67 -7.84 -14.69 6.65
N LEU A 68 -7.86 -15.94 7.10
CA LEU A 68 -8.72 -16.35 8.24
C LEU A 68 -7.89 -16.21 9.52
N ASP A 69 -6.65 -16.65 9.54
CA ASP A 69 -5.83 -16.58 10.78
C ASP A 69 -4.35 -16.57 10.38
N VAL A 70 -3.49 -16.30 11.35
CA VAL A 70 -2.01 -16.39 11.22
C VAL A 70 -1.49 -17.07 12.48
N ILE A 71 -1.05 -18.32 12.33
CA ILE A 71 -0.63 -19.23 13.41
C ILE A 71 0.89 -19.37 13.36
N HIS A 72 1.56 -18.94 14.43
CA HIS A 72 3.01 -19.10 14.69
C HIS A 72 3.27 -20.35 15.54
N THR A 73 4.06 -21.30 15.03
CA THR A 73 4.31 -22.66 15.59
C THR A 73 5.70 -23.15 15.14
N GLU A 74 6.60 -23.49 16.06
CA GLU A 74 7.75 -24.41 15.79
C GLU A 74 8.75 -23.79 14.79
N ASN A 75 8.87 -22.46 14.75
CA ASN A 75 9.68 -21.73 13.72
C ASN A 75 9.01 -21.86 12.35
N LYS A 76 7.71 -22.10 12.34
CA LYS A 76 6.83 -22.07 11.15
C LYS A 76 5.77 -20.96 11.35
N LEU A 77 5.58 -20.15 10.33
CA LEU A 77 4.41 -19.24 10.24
C LEU A 77 3.45 -19.87 9.25
N TYR A 78 2.20 -20.04 9.67
CA TYR A 78 1.11 -20.60 8.85
C TYR A 78 0.11 -19.50 8.58
N LEU A 79 -0.21 -19.24 7.32
CA LEU A 79 -1.27 -18.31 6.91
C LEU A 79 -2.44 -19.18 6.50
N VAL A 80 -3.60 -18.98 7.13
CA VAL A 80 -4.79 -19.80 6.83
C VAL A 80 -5.70 -18.91 5.99
N PHE A 81 -6.03 -19.33 4.77
CA PHE A 81 -6.89 -18.61 3.80
C PHE A 81 -8.18 -19.39 3.51
N GLU A 82 -9.26 -18.66 3.21
CA GLU A 82 -10.44 -19.20 2.51
C GLU A 82 -9.90 -20.02 1.32
N PHE A 83 -10.58 -21.12 0.97
CA PHE A 83 -10.14 -22.12 -0.04
C PHE A 83 -11.11 -22.10 -1.22
N LEU A 84 -10.53 -22.07 -2.40
CA LEU A 84 -11.23 -22.06 -3.66
C LEU A 84 -10.54 -23.14 -4.49
N HIS A 85 -11.30 -23.81 -5.35
CA HIS A 85 -11.01 -25.21 -5.74
C HIS A 85 -10.09 -25.20 -6.95
N GLN A 86 -10.23 -24.16 -7.80
CA GLN A 86 -9.56 -23.98 -9.11
C GLN A 86 -9.14 -22.51 -9.31
N ASP A 87 -8.09 -22.29 -10.13
CA ASP A 87 -7.60 -20.96 -10.56
C ASP A 87 -7.98 -20.79 -12.02
N LEU A 88 -7.92 -19.57 -12.51
CA LEU A 88 -8.62 -19.19 -13.75
C LEU A 88 -7.81 -19.60 -14.98
N LYS A 89 -6.52 -19.90 -14.85
CA LYS A 89 -5.71 -20.35 -16.01
C LYS A 89 -6.18 -21.78 -16.35
N LYS A 90 -6.21 -22.63 -15.33
CA LYS A 90 -6.67 -24.04 -15.45
C LYS A 90 -8.10 -24.03 -16.00
N PHE A 91 -8.99 -23.15 -15.50
CA PHE A 91 -10.38 -23.06 -16.01
C PHE A 91 -10.35 -22.68 -17.50
N MET A 92 -9.53 -21.70 -17.85
CA MET A 92 -9.49 -21.16 -19.24
C MET A 92 -8.92 -22.25 -20.15
N ASP A 93 -7.91 -22.99 -19.68
CA ASP A 93 -7.31 -24.14 -20.41
C ASP A 93 -8.42 -25.19 -20.64
N ALA A 94 -9.10 -25.62 -19.57
CA ALA A 94 -10.19 -26.63 -19.60
C ALA A 94 -11.36 -26.19 -20.50
N SER A 95 -11.48 -24.89 -20.83
CA SER A 95 -12.60 -24.28 -21.58
C SER A 95 -12.18 -23.80 -22.97
N ALA A 96 -10.97 -24.14 -23.44
CA ALA A 96 -10.37 -23.57 -24.68
C ALA A 96 -11.05 -24.11 -25.96
N LEU A 97 -11.76 -25.25 -25.92
CA LEU A 97 -12.46 -25.76 -27.14
C LEU A 97 -13.87 -25.15 -27.14
N THR A 98 -14.62 -25.37 -26.06
CA THR A 98 -16.04 -24.96 -25.89
C THR A 98 -16.14 -23.42 -25.90
N GLY A 99 -15.10 -22.74 -25.44
CA GLY A 99 -15.15 -21.31 -25.04
C GLY A 99 -15.68 -21.19 -23.63
N ILE A 100 -15.38 -20.07 -22.97
CA ILE A 100 -16.18 -19.67 -21.78
C ILE A 100 -17.39 -18.96 -22.35
N PRO A 101 -18.60 -19.32 -21.87
CA PRO A 101 -19.83 -18.63 -22.29
C PRO A 101 -19.76 -17.15 -21.88
N LEU A 102 -20.13 -16.24 -22.79
CA LEU A 102 -20.09 -14.76 -22.57
C LEU A 102 -20.84 -14.34 -21.31
N PRO A 103 -21.98 -14.94 -20.90
CA PRO A 103 -22.54 -14.64 -19.58
C PRO A 103 -21.53 -14.80 -18.42
N LEU A 104 -20.74 -15.88 -18.44
CA LEU A 104 -19.77 -16.15 -17.35
C LEU A 104 -18.60 -15.17 -17.46
N ILE A 105 -18.18 -14.80 -18.69
CA ILE A 105 -17.07 -13.85 -18.93
C ILE A 105 -17.44 -12.51 -18.31
N LYS A 106 -18.59 -11.96 -18.73
CA LYS A 106 -19.15 -10.68 -18.20
C LYS A 106 -19.22 -10.77 -16.68
N SER A 107 -19.71 -11.87 -16.14
CA SER A 107 -19.91 -12.01 -14.68
C SER A 107 -18.56 -11.98 -13.96
N TYR A 108 -17.57 -12.64 -14.56
CA TYR A 108 -16.25 -12.89 -13.93
C TYR A 108 -15.50 -11.55 -13.94
N LEU A 109 -15.56 -10.84 -15.07
CA LEU A 109 -14.94 -9.50 -15.20
C LEU A 109 -15.55 -8.53 -14.19
N PHE A 110 -16.89 -8.49 -14.17
CA PHE A 110 -17.70 -7.60 -13.30
C PHE A 110 -17.23 -7.76 -11.86
N GLN A 111 -17.18 -9.00 -11.39
CA GLN A 111 -16.75 -9.37 -10.04
C GLN A 111 -15.29 -8.95 -9.79
N LEU A 112 -14.44 -9.05 -10.83
CA LEU A 112 -12.99 -8.79 -10.65
C LEU A 112 -12.89 -7.28 -10.46
N LEU A 113 -13.64 -6.54 -11.26
CA LEU A 113 -13.66 -5.06 -11.16
C LEU A 113 -14.18 -4.63 -9.79
N GLN A 114 -15.08 -5.38 -9.18
CA GLN A 114 -15.61 -5.04 -7.83
C GLN A 114 -14.53 -5.28 -6.77
N GLY A 115 -13.82 -6.40 -6.86
CA GLY A 115 -12.65 -6.62 -6.00
C GLY A 115 -11.63 -5.49 -6.21
N LEU A 116 -11.29 -5.21 -7.46
CA LEU A 116 -10.20 -4.25 -7.78
C LEU A 116 -10.64 -2.87 -7.29
N ALA A 117 -11.89 -2.46 -7.55
CA ALA A 117 -12.44 -1.17 -7.07
C ALA A 117 -12.41 -1.09 -5.53
N PHE A 118 -12.54 -2.22 -4.84
CA PHE A 118 -12.42 -2.26 -3.35
C PHE A 118 -10.96 -1.96 -2.98
N CYS A 119 -10.01 -2.64 -3.62
CA CYS A 119 -8.56 -2.46 -3.32
C CYS A 119 -8.19 -0.99 -3.56
N HIS A 120 -8.54 -0.44 -4.72
CA HIS A 120 -8.13 0.94 -5.12
C HIS A 120 -8.77 1.97 -4.16
N SER A 121 -10.04 1.83 -3.80
CA SER A 121 -10.73 2.77 -2.87
C SER A 121 -10.05 2.67 -1.52
N HIS A 122 -9.50 1.50 -1.20
CA HIS A 122 -8.67 1.25 0.01
C HIS A 122 -7.20 1.58 -0.25
N ARG A 123 -6.87 2.29 -1.36
CA ARG A 123 -5.49 2.74 -1.71
C ARG A 123 -4.53 1.54 -1.71
N VAL A 124 -4.92 0.40 -2.26
CA VAL A 124 -3.99 -0.76 -2.41
C VAL A 124 -3.88 -1.09 -3.91
N LEU A 125 -2.65 -1.30 -4.37
CA LEU A 125 -2.42 -1.80 -5.75
C LEU A 125 -2.08 -3.27 -5.64
N HIS A 126 -2.65 -4.08 -6.53
CA HIS A 126 -2.42 -5.54 -6.54
C HIS A 126 -1.03 -5.79 -7.15
N ARG A 127 -0.85 -5.38 -8.39
CA ARG A 127 0.44 -5.35 -9.12
C ARG A 127 0.80 -6.73 -9.66
N ASP A 128 0.05 -7.79 -9.36
CA ASP A 128 0.39 -9.10 -9.98
C ASP A 128 -0.88 -9.83 -10.49
N LEU A 129 -1.79 -9.12 -11.14
CA LEU A 129 -3.05 -9.69 -11.66
C LEU A 129 -2.73 -10.52 -12.92
N LYS A 130 -2.87 -11.81 -12.83
CA LYS A 130 -2.77 -12.78 -13.96
C LYS A 130 -3.78 -13.90 -13.64
N PRO A 131 -4.15 -14.74 -14.61
CA PRO A 131 -5.17 -15.76 -14.36
C PRO A 131 -4.78 -16.73 -13.22
N GLN A 132 -3.48 -17.00 -13.02
CA GLN A 132 -2.97 -17.89 -11.94
C GLN A 132 -3.37 -17.32 -10.58
N ASN A 133 -3.62 -16.01 -10.48
CA ASN A 133 -3.92 -15.34 -9.19
C ASN A 133 -5.45 -15.08 -9.02
N LEU A 134 -6.29 -15.48 -9.99
CA LEU A 134 -7.77 -15.34 -9.88
C LEU A 134 -8.39 -16.72 -9.63
N LEU A 135 -8.92 -16.91 -8.41
CA LEU A 135 -9.48 -18.18 -7.91
C LEU A 135 -10.98 -18.18 -8.06
N ILE A 136 -11.54 -19.30 -8.55
CA ILE A 136 -13.00 -19.47 -8.76
C ILE A 136 -13.50 -20.56 -7.81
N ASN A 137 -14.76 -20.49 -7.38
CA ASN A 137 -15.37 -21.61 -6.60
C ASN A 137 -16.51 -22.21 -7.42
N THR A 138 -17.32 -23.06 -6.77
CA THR A 138 -18.27 -23.97 -7.44
C THR A 138 -19.63 -23.28 -7.53
N GLU A 139 -19.72 -22.03 -7.05
CA GLU A 139 -20.96 -21.20 -6.97
C GLU A 139 -20.88 -19.98 -7.92
N GLY A 140 -19.95 -19.94 -8.88
CA GLY A 140 -19.88 -18.84 -9.90
C GLY A 140 -19.11 -17.61 -9.43
N ALA A 141 -18.41 -17.65 -8.28
CA ALA A 141 -17.62 -16.57 -7.69
C ALA A 141 -16.17 -16.63 -8.23
N ILE A 142 -15.55 -15.45 -8.48
CA ILE A 142 -14.08 -15.29 -8.74
C ILE A 142 -13.49 -14.31 -7.73
N LYS A 143 -12.24 -14.53 -7.31
CA LYS A 143 -11.63 -13.67 -6.26
C LYS A 143 -10.14 -13.41 -6.51
N LEU A 144 -9.67 -12.24 -6.09
CA LEU A 144 -8.25 -11.83 -6.18
C LEU A 144 -7.46 -12.62 -5.14
N ALA A 145 -6.27 -13.11 -5.49
CA ALA A 145 -5.35 -13.83 -4.59
C ALA A 145 -3.89 -13.39 -4.86
N ASP A 146 -2.98 -13.80 -3.99
CA ASP A 146 -1.55 -13.42 -3.94
C ASP A 146 -1.43 -11.89 -3.85
N PHE A 147 -1.38 -11.38 -2.63
CA PHE A 147 -1.13 -9.94 -2.32
C PHE A 147 0.34 -9.78 -1.92
N GLY A 148 1.21 -10.72 -2.26
CA GLY A 148 2.65 -10.63 -1.94
C GLY A 148 3.36 -9.50 -2.69
N LEU A 149 2.92 -9.12 -3.88
CA LEU A 149 3.55 -8.01 -4.64
C LEU A 149 2.69 -6.74 -4.56
N ALA A 150 1.66 -6.71 -3.69
CA ALA A 150 0.72 -5.58 -3.54
C ALA A 150 1.34 -4.50 -2.65
N ARG A 151 0.78 -3.30 -2.72
CA ARG A 151 1.34 -2.11 -2.03
C ARG A 151 0.27 -1.02 -1.86
N ALA A 152 0.15 -0.56 -0.62
CA ALA A 152 -0.57 0.67 -0.21
C ALA A 152 0.11 1.84 -0.90
N PHE A 153 -0.69 2.77 -1.43
CA PHE A 153 -0.15 3.96 -2.10
C PHE A 153 -0.62 5.18 -1.30
N GLY A 154 0.19 6.22 -1.26
CA GLY A 154 -0.23 7.45 -0.58
C GLY A 154 -1.15 8.24 -1.47
N VAL A 155 -2.09 9.00 -0.88
CA VAL A 155 -2.92 9.86 -1.76
C VAL A 155 -1.90 10.57 -2.64
N PRO A 156 -0.95 11.39 -2.12
CA PRO A 156 0.12 11.90 -2.94
C PRO A 156 1.00 10.63 -3.02
N VAL A 157 1.16 10.04 -4.20
CA VAL A 157 1.89 8.74 -4.32
C VAL A 157 3.41 8.95 -4.28
N ARG A 158 4.16 7.88 -4.04
CA ARG A 158 5.66 7.99 -4.04
C ARG A 158 6.16 6.93 -5.03
N THR A 159 7.40 7.10 -5.52
CA THR A 159 8.13 6.16 -6.42
C THR A 159 8.10 4.76 -5.79
N TYR A 160 7.54 3.76 -6.50
CA TYR A 160 7.38 2.41 -5.91
C TYR A 160 8.32 1.47 -6.65
N HIS A 162 10.09 -1.01 -9.12
CA HIS A 162 9.95 -0.91 -10.57
C HIS A 162 9.79 -2.32 -11.20
N GLU A 163 10.26 -3.39 -10.54
CA GLU A 163 10.11 -4.80 -11.00
C GLU A 163 8.74 -5.35 -10.53
N VAL A 164 7.66 -5.05 -11.27
CA VAL A 164 6.25 -5.42 -10.89
C VAL A 164 5.50 -6.02 -12.11
N VAL A 165 4.60 -6.97 -11.83
CA VAL A 165 3.64 -7.61 -12.79
C VAL A 165 4.39 -8.55 -13.72
N THR A 166 3.91 -9.78 -13.88
CA THR A 166 4.53 -10.74 -14.82
C THR A 166 4.29 -10.20 -16.25
N LEU A 167 5.26 -10.43 -17.12
CA LEU A 167 5.52 -9.73 -18.41
C LEU A 167 4.25 -9.59 -19.28
N TRP A 168 3.46 -10.65 -19.47
CA TRP A 168 2.30 -10.66 -20.40
C TRP A 168 1.18 -9.72 -19.91
N TYR A 169 1.14 -9.43 -18.62
CA TYR A 169 0.06 -8.65 -17.98
C TYR A 169 0.58 -7.26 -17.61
N ARG A 170 1.75 -6.91 -18.15
CA ARG A 170 2.46 -5.67 -17.72
C ARG A 170 2.08 -4.49 -18.61
N ALA A 171 1.82 -3.35 -17.99
CA ALA A 171 1.34 -2.11 -18.63
C ALA A 171 2.50 -1.43 -19.35
N PRO A 172 2.20 -0.74 -20.47
CA PRO A 172 3.25 -0.16 -21.30
C PRO A 172 4.01 0.91 -20.53
N GLU A 173 3.34 1.67 -19.65
CA GLU A 173 4.04 2.77 -18.92
C GLU A 173 5.14 2.16 -18.05
N ILE A 174 4.96 0.95 -17.52
CA ILE A 174 6.01 0.25 -16.70
C ILE A 174 7.14 -0.19 -17.63
N LEU A 175 6.84 -0.79 -18.78
CA LEU A 175 7.88 -1.21 -19.76
C LEU A 175 8.75 -0.03 -20.27
N LEU A 176 8.15 1.15 -20.46
CA LEU A 176 8.80 2.41 -20.95
C LEU A 176 9.53 3.15 -19.82
N GLY A 177 9.41 2.68 -18.58
CA GLY A 177 10.21 3.12 -17.42
C GLY A 177 9.62 4.27 -16.64
N CYS A 178 8.30 4.41 -16.56
CA CYS A 178 7.61 5.46 -15.76
C CYS A 178 8.20 5.52 -14.33
N LYS A 179 8.32 6.72 -13.78
CA LYS A 179 8.84 7.00 -12.41
C LYS A 179 7.81 6.55 -11.36
N TYR A 180 6.63 7.15 -11.42
CA TYR A 180 5.47 6.86 -10.53
C TYR A 180 4.52 5.94 -11.28
N TYR A 181 3.68 5.24 -10.53
CA TYR A 181 2.51 4.53 -11.08
C TYR A 181 1.46 4.34 -10.00
N SER A 182 0.23 4.02 -10.40
CA SER A 182 -0.85 3.65 -9.44
C SER A 182 -1.88 2.72 -10.10
N THR A 183 -3.17 3.05 -10.01
CA THR A 183 -4.32 2.11 -10.10
C THR A 183 -4.42 1.53 -11.51
N ALA A 184 -3.97 2.28 -12.50
CA ALA A 184 -4.08 1.96 -13.94
C ALA A 184 -3.29 0.71 -14.30
N VAL A 185 -2.23 0.34 -13.58
CA VAL A 185 -1.46 -0.90 -13.94
C VAL A 185 -2.40 -2.07 -13.68
N ASP A 186 -3.16 -2.07 -12.59
CA ASP A 186 -4.08 -3.20 -12.32
C ASP A 186 -5.14 -3.32 -13.43
N ILE A 187 -5.64 -2.21 -13.93
CA ILE A 187 -6.69 -2.15 -14.99
C ILE A 187 -6.17 -2.68 -16.32
N TRP A 188 -4.90 -2.42 -16.67
CA TRP A 188 -4.27 -3.00 -17.89
C TRP A 188 -4.25 -4.54 -17.77
N SER A 189 -3.90 -5.06 -16.60
CA SER A 189 -3.90 -6.52 -16.38
C SER A 189 -5.30 -7.11 -16.61
N LEU A 190 -6.38 -6.53 -16.06
CA LEU A 190 -7.75 -7.10 -16.17
C LEU A 190 -8.17 -7.03 -17.63
N GLY A 191 -7.74 -5.98 -18.32
CA GLY A 191 -7.99 -5.79 -19.75
C GLY A 191 -7.37 -6.93 -20.54
N CYS A 192 -6.14 -7.25 -20.19
CA CYS A 192 -5.42 -8.38 -20.82
C CYS A 192 -6.17 -9.67 -20.48
N ILE A 193 -6.58 -9.86 -19.22
CA ILE A 193 -7.37 -11.08 -18.79
C ILE A 193 -8.73 -11.18 -19.51
N PHE A 194 -9.40 -10.07 -19.74
CA PHE A 194 -10.72 -9.98 -20.41
C PHE A 194 -10.61 -10.56 -21.85
N ALA A 195 -9.70 -10.02 -22.66
CA ALA A 195 -9.45 -10.49 -24.04
C ALA A 195 -9.06 -11.97 -24.01
N GLU A 196 -8.30 -12.37 -23.00
CA GLU A 196 -7.83 -13.75 -22.91
C GLU A 196 -9.05 -14.66 -22.71
N MET A 197 -10.00 -14.21 -21.88
CA MET A 197 -11.21 -14.99 -21.58
C MET A 197 -11.98 -15.18 -22.89
N VAL A 198 -11.94 -14.15 -23.74
CA VAL A 198 -12.73 -14.06 -25.01
C VAL A 198 -12.07 -14.93 -26.08
N THR A 199 -10.74 -14.88 -26.22
CA THR A 199 -9.99 -15.41 -27.40
C THR A 199 -9.47 -16.82 -27.10
N ARG A 200 -9.49 -17.22 -25.83
CA ARG A 200 -8.89 -18.44 -25.23
C ARG A 200 -7.35 -18.46 -25.38
N ARG A 201 -6.71 -17.28 -25.48
CA ARG A 201 -5.26 -17.12 -25.75
C ARG A 201 -4.73 -15.85 -25.07
N ALA A 202 -3.49 -15.85 -24.58
CA ALA A 202 -2.86 -14.61 -24.04
C ALA A 202 -2.92 -13.53 -25.11
N LEU A 203 -3.32 -12.32 -24.72
CA LEU A 203 -3.42 -11.17 -25.68
C LEU A 203 -2.03 -10.74 -26.18
N PHE A 204 -1.01 -10.73 -25.34
CA PHE A 204 0.32 -10.12 -25.62
C PHE A 204 1.46 -10.98 -25.05
N PRO A 205 1.70 -12.19 -25.61
CA PRO A 205 2.63 -13.17 -25.04
C PRO A 205 4.12 -12.84 -25.30
N GLY A 206 4.63 -11.80 -24.66
CA GLY A 206 5.98 -11.32 -24.96
C GLY A 206 7.01 -12.24 -24.37
N ASP A 207 8.19 -12.33 -24.99
CA ASP A 207 9.27 -13.17 -24.41
C ASP A 207 10.42 -12.28 -23.95
N SER A 208 10.25 -10.95 -23.96
CA SER A 208 11.22 -9.99 -23.38
C SER A 208 10.52 -8.65 -23.19
N GLU A 209 11.11 -7.77 -22.38
CA GLU A 209 10.60 -6.39 -22.18
C GLU A 209 10.33 -5.76 -23.56
N ILE A 210 11.25 -5.85 -24.52
CA ILE A 210 11.12 -5.10 -25.82
C ILE A 210 10.07 -5.83 -26.66
N ASP A 211 10.10 -7.15 -26.68
CA ASP A 211 9.15 -7.98 -27.47
C ASP A 211 7.72 -7.75 -26.94
N GLN A 212 7.53 -7.56 -25.63
CA GLN A 212 6.20 -7.25 -25.02
C GLN A 212 5.69 -5.93 -25.58
N LEU A 213 6.52 -4.88 -25.51
CA LEU A 213 6.22 -3.53 -26.06
C LEU A 213 5.79 -3.66 -27.52
N PHE A 214 6.59 -4.37 -28.32
CA PHE A 214 6.37 -4.50 -29.78
C PHE A 214 5.04 -5.20 -30.02
N ARG A 215 4.73 -6.22 -29.23
CA ARG A 215 3.44 -6.97 -29.39
C ARG A 215 2.29 -6.04 -29.02
N ILE A 216 2.51 -5.22 -28.01
CA ILE A 216 1.50 -4.20 -27.62
C ILE A 216 1.31 -3.26 -28.81
N PHE A 217 2.42 -2.70 -29.33
CA PHE A 217 2.37 -1.75 -30.46
C PHE A 217 1.69 -2.42 -31.66
N ARG A 218 1.99 -3.69 -31.95
CA ARG A 218 1.54 -4.36 -33.20
C ARG A 218 0.03 -4.40 -33.21
N THR A 219 -0.61 -4.42 -32.04
CA THR A 219 -2.06 -4.61 -31.88
C THR A 219 -2.74 -3.25 -31.68
N LEU A 220 -2.15 -2.33 -30.92
CA LEU A 220 -2.82 -1.06 -30.50
C LEU A 220 -2.25 0.15 -31.25
N GLY A 221 -1.14 -0.03 -31.97
CA GLY A 221 -0.47 1.03 -32.73
C GLY A 221 0.69 1.62 -31.95
N THR A 222 1.82 1.87 -32.60
CA THR A 222 2.90 2.66 -31.98
C THR A 222 2.32 3.96 -31.46
N PRO A 223 2.47 4.25 -30.16
CA PRO A 223 1.90 5.46 -29.57
C PRO A 223 2.75 6.69 -29.91
N ASP A 224 2.16 7.89 -29.88
CA ASP A 224 2.86 9.20 -30.07
C ASP A 224 2.34 10.22 -29.06
N GLU A 225 2.86 11.44 -29.10
CA GLU A 225 2.51 12.50 -28.11
C GLU A 225 1.05 12.91 -28.27
N VAL A 226 0.38 12.53 -29.34
CA VAL A 226 -1.09 12.77 -29.49
C VAL A 226 -1.86 11.79 -28.61
N VAL A 227 -1.68 10.48 -28.76
CA VAL A 227 -2.56 9.48 -28.06
C VAL A 227 -2.14 9.40 -26.59
N TRP A 228 -0.90 9.74 -26.30
CA TRP A 228 -0.24 9.53 -24.99
C TRP A 228 0.82 10.59 -24.75
N PRO A 229 0.39 11.78 -24.28
CA PRO A 229 1.28 12.87 -23.96
C PRO A 229 2.36 12.41 -22.96
N GLY A 230 3.62 12.69 -23.30
CA GLY A 230 4.81 12.41 -22.49
C GLY A 230 5.52 11.20 -23.02
N VAL A 231 4.83 10.37 -23.80
CA VAL A 231 5.38 9.05 -24.22
C VAL A 231 6.79 9.23 -24.77
N THR A 232 7.02 10.25 -25.61
CA THR A 232 8.30 10.44 -26.37
C THR A 232 9.42 10.87 -25.42
N SER A 233 9.09 11.40 -24.23
CA SER A 233 10.07 11.83 -23.18
C SER A 233 10.35 10.71 -22.17
N MET A 234 9.77 9.54 -22.33
CA MET A 234 9.89 8.45 -21.34
C MET A 234 11.22 7.72 -21.48
N PRO A 235 11.85 7.33 -20.34
CA PRO A 235 13.23 6.85 -20.35
C PRO A 235 13.51 5.73 -21.36
N ASP A 236 12.56 4.83 -21.62
CA ASP A 236 12.86 3.62 -22.43
C ASP A 236 12.17 3.74 -23.79
N TYR A 237 11.54 4.89 -24.06
CA TYR A 237 10.99 5.23 -25.40
C TYR A 237 12.16 5.49 -26.37
N LYS A 238 12.11 4.93 -27.58
CA LYS A 238 13.15 5.10 -28.62
C LYS A 238 12.47 5.59 -29.90
N PRO A 239 12.89 6.77 -30.44
CA PRO A 239 12.34 7.29 -31.68
C PRO A 239 12.24 6.25 -32.81
N SER A 240 13.15 5.26 -32.87
CA SER A 240 13.19 4.08 -33.78
C SER A 240 12.03 3.07 -33.65
N PHE A 241 11.28 3.02 -32.53
CA PHE A 241 10.21 1.98 -32.44
C PHE A 241 9.47 2.00 -33.77
N PRO A 242 9.26 0.84 -34.46
CA PRO A 242 8.43 0.79 -35.66
C PRO A 242 7.02 1.39 -35.53
N LYS A 243 6.39 1.70 -36.67
CA LYS A 243 5.08 2.39 -36.79
C LYS A 243 4.06 1.36 -37.27
N TRP A 244 3.27 0.83 -36.34
CA TRP A 244 2.16 -0.10 -36.62
C TRP A 244 0.87 0.67 -36.36
N ALA A 245 -0.20 0.26 -37.02
CA ALA A 245 -1.54 0.87 -36.99
C ALA A 245 -2.40 0.07 -36.03
N ARG A 246 -3.09 0.72 -35.10
CA ARG A 246 -4.15 0.05 -34.31
C ARG A 246 -4.91 -0.91 -35.24
N GLN A 247 -5.54 -1.94 -34.69
CA GLN A 247 -6.27 -3.00 -35.42
C GLN A 247 -7.73 -2.91 -34.98
N ASP A 248 -8.64 -3.17 -35.91
CA ASP A 248 -10.09 -3.28 -35.65
C ASP A 248 -10.28 -4.24 -34.48
N PHE A 249 -11.07 -3.86 -33.49
CA PHE A 249 -11.28 -4.64 -32.25
C PHE A 249 -12.26 -5.79 -32.51
N SER A 250 -13.03 -5.73 -33.60
CA SER A 250 -13.90 -6.84 -34.09
C SER A 250 -13.05 -8.00 -34.63
N LYS A 251 -11.74 -7.82 -34.87
CA LYS A 251 -10.87 -8.95 -35.29
C LYS A 251 -9.86 -9.36 -34.21
N VAL A 252 -9.58 -8.53 -33.18
CA VAL A 252 -8.65 -8.93 -32.05
C VAL A 252 -9.51 -9.56 -30.95
N VAL A 253 -10.75 -9.11 -30.78
CA VAL A 253 -11.77 -9.85 -29.97
C VAL A 253 -13.04 -10.07 -30.81
N PRO A 254 -13.03 -11.02 -31.78
CA PRO A 254 -14.18 -11.23 -32.67
C PRO A 254 -15.49 -11.51 -31.93
N PRO A 255 -15.50 -12.40 -30.91
CA PRO A 255 -16.75 -12.70 -30.21
C PRO A 255 -17.52 -11.58 -29.49
N LEU A 256 -17.12 -10.32 -29.63
CA LEU A 256 -17.48 -9.30 -28.61
C LEU A 256 -18.30 -8.18 -29.24
N ASP A 257 -19.46 -7.91 -28.63
CA ASP A 257 -20.44 -6.89 -29.07
C ASP A 257 -19.80 -5.50 -29.07
N GLU A 258 -20.60 -4.46 -29.33
CA GLU A 258 -20.20 -3.03 -29.26
C GLU A 258 -19.64 -2.73 -27.87
N ASP A 259 -20.38 -3.08 -26.83
CA ASP A 259 -20.07 -2.61 -25.46
C ASP A 259 -18.73 -3.23 -25.01
N GLY A 260 -18.54 -4.56 -25.16
CA GLY A 260 -17.26 -5.24 -24.87
C GLY A 260 -16.05 -4.52 -25.47
N ARG A 261 -16.09 -4.26 -26.77
CA ARG A 261 -14.96 -3.67 -27.53
C ARG A 261 -14.68 -2.27 -26.99
N SER A 262 -15.71 -1.55 -26.52
CA SER A 262 -15.64 -0.22 -25.87
C SER A 262 -14.82 -0.33 -24.58
N LEU A 263 -15.36 -1.09 -23.63
CA LEU A 263 -14.79 -1.44 -22.33
C LEU A 263 -13.32 -1.79 -22.47
N LEU A 264 -12.98 -2.73 -23.36
CA LEU A 264 -11.61 -3.29 -23.47
C LEU A 264 -10.66 -2.19 -23.94
N SER A 265 -11.09 -1.38 -24.90
CA SER A 265 -10.22 -0.34 -25.48
C SER A 265 -9.93 0.70 -24.38
N GLN A 266 -10.88 1.00 -23.51
CA GLN A 266 -10.71 2.01 -22.42
C GLN A 266 -9.86 1.41 -21.28
N MET A 267 -9.94 0.10 -21.12
CA MET A 267 -9.11 -0.72 -20.22
C MET A 267 -7.68 -0.80 -20.78
N LEU A 268 -7.49 -0.54 -22.08
CA LEU A 268 -6.19 -0.68 -22.76
C LEU A 268 -5.72 0.63 -23.37
N HIS A 269 -6.29 1.75 -22.92
CA HIS A 269 -5.80 3.11 -23.26
C HIS A 269 -4.33 3.19 -22.82
N TYR A 270 -3.48 3.68 -23.71
CA TYR A 270 -2.04 3.88 -23.49
C TYR A 270 -1.79 4.81 -22.32
N ASP A 271 -2.58 5.89 -22.22
CA ASP A 271 -2.34 6.99 -21.25
C ASP A 271 -2.90 6.56 -19.91
N PRO A 272 -2.02 6.31 -18.90
CA PRO A 272 -2.47 5.94 -17.56
C PRO A 272 -3.51 6.91 -16.99
N ASN A 273 -3.47 8.17 -17.44
CA ASN A 273 -4.37 9.25 -16.97
C ASN A 273 -5.79 9.03 -17.49
N LYS A 274 -5.95 8.33 -18.61
CA LYS A 274 -7.24 8.20 -19.33
C LYS A 274 -7.79 6.79 -19.12
N ARG A 275 -6.92 5.79 -18.96
CA ARG A 275 -7.34 4.39 -18.75
C ARG A 275 -8.51 4.39 -17.75
N ILE A 276 -9.58 3.71 -18.07
CA ILE A 276 -10.81 3.73 -17.24
C ILE A 276 -10.43 3.29 -15.83
N SER A 277 -11.19 3.70 -14.83
CA SER A 277 -11.08 3.22 -13.44
C SER A 277 -11.89 1.94 -13.32
N ALA A 278 -11.65 1.19 -12.26
CA ALA A 278 -12.42 0.01 -11.85
C ALA A 278 -13.87 0.46 -11.60
N LYS A 279 -14.07 1.48 -10.76
CA LYS A 279 -15.42 2.03 -10.40
C LYS A 279 -16.20 2.37 -11.68
N ALA A 280 -15.62 3.11 -12.61
CA ALA A 280 -16.25 3.56 -13.87
C ALA A 280 -16.56 2.37 -14.81
N ALA A 281 -15.64 1.41 -14.91
CA ALA A 281 -15.85 0.14 -15.63
C ALA A 281 -17.13 -0.55 -15.11
N LEU A 282 -17.34 -0.64 -13.80
CA LEU A 282 -18.56 -1.26 -13.20
C LEU A 282 -19.81 -0.54 -13.73
N ALA A 283 -19.70 0.74 -14.09
CA ALA A 283 -20.82 1.56 -14.60
C ALA A 283 -20.85 1.54 -16.13
N HIS A 284 -20.10 0.66 -16.79
CA HIS A 284 -20.06 0.62 -18.27
C HIS A 284 -21.36 0.00 -18.77
N PRO A 285 -21.84 0.39 -19.98
CA PRO A 285 -22.99 -0.25 -20.64
C PRO A 285 -22.86 -1.75 -20.90
N PHE A 286 -21.64 -2.25 -21.06
CA PHE A 286 -21.34 -3.69 -21.20
C PHE A 286 -22.03 -4.44 -20.07
N PHE A 287 -22.14 -3.81 -18.90
CA PHE A 287 -22.68 -4.45 -17.68
C PHE A 287 -24.11 -3.99 -17.43
N GLN A 288 -24.72 -3.21 -18.35
CA GLN A 288 -25.98 -2.44 -18.09
C GLN A 288 -27.03 -3.40 -17.52
N ASP A 289 -27.00 -4.68 -17.93
CA ASP A 289 -27.93 -5.76 -17.50
C ASP A 289 -27.67 -6.15 -16.03
N VAL A 290 -26.41 -6.08 -15.56
CA VAL A 290 -26.00 -6.49 -14.17
C VAL A 290 -26.16 -5.30 -13.21
N THR A 291 -25.81 -4.08 -13.66
CA THR A 291 -25.87 -2.80 -12.86
C THR A 291 -27.27 -2.18 -13.00
N LYS A 292 -27.74 -1.46 -11.97
CA LYS A 292 -29.16 -1.02 -11.83
C LYS A 292 -29.20 0.39 -11.22
N PRO A 293 -30.40 1.03 -11.11
CA PRO A 293 -30.48 2.42 -10.63
C PRO A 293 -29.95 2.71 -9.21
N VAL A 294 -29.33 3.89 -9.06
CA VAL A 294 -28.89 4.52 -7.78
C VAL A 294 -29.18 6.02 -7.91
N PRO A 295 -29.25 6.80 -6.81
CA PRO A 295 -29.30 8.26 -6.88
C PRO A 295 -28.02 8.98 -6.45
N HIS A 296 -28.05 10.32 -6.39
CA HIS A 296 -26.93 11.21 -5.99
C HIS A 296 -27.50 12.52 -5.44
N LEU A 297 -26.77 13.22 -4.56
CA LEU A 297 -27.13 14.59 -4.07
C LEU A 297 -25.88 15.49 -4.04
N ARG A 298 -26.00 16.73 -3.55
CA ARG A 298 -24.88 17.66 -3.26
C ARG A 298 -24.90 18.03 -1.77
N SER B 1 -14.16 16.31 3.89
CA SER B 1 -13.49 15.64 2.71
C SER B 1 -12.80 16.69 1.85
N PRO B 2 -11.48 16.95 2.08
CA PRO B 2 -10.75 17.98 1.34
C PRO B 2 -10.24 17.49 -0.02
N LEU B 3 -10.47 16.23 -0.34
CA LEU B 3 -10.10 15.66 -1.66
C LEU B 3 -11.04 16.24 -2.71
N PRO B 4 -10.52 16.59 -3.90
CA PRO B 4 -11.35 16.83 -5.07
C PRO B 4 -11.84 15.48 -5.60
N VAL B 5 -12.82 15.51 -6.50
CA VAL B 5 -13.40 14.30 -7.17
C VAL B 5 -12.26 13.45 -7.73
N LEU B 6 -12.31 12.14 -7.50
CA LEU B 6 -11.29 11.17 -7.94
C LEU B 6 -11.84 10.33 -9.09
N SER B 7 -11.01 10.08 -10.11
CA SER B 7 -11.24 9.15 -11.26
C SER B 7 -11.54 7.72 -10.76
N TRP B 8 -10.74 7.26 -9.79
CA TRP B 8 -10.55 5.82 -9.39
C TRP B 8 -11.61 5.39 -8.36
N ALA B 9 -12.18 6.36 -7.62
CA ALA B 9 -13.06 6.12 -6.47
C ALA B 9 -13.86 7.39 -6.09
N ASN B 10 -14.87 7.21 -5.23
CA ASN B 10 -15.65 8.29 -4.57
C ASN B 10 -14.73 8.99 -3.57
N ARG B 11 -14.27 10.21 -3.90
CA ARG B 11 -13.40 11.05 -3.03
C ARG B 11 -13.88 10.97 -1.58
N GLU B 12 -15.20 10.85 -1.36
CA GLU B 12 -15.84 10.81 -0.02
C GLU B 12 -15.56 9.46 0.62
N GLU B 13 -15.72 8.38 -0.17
CA GLU B 13 -15.48 6.97 0.25
C GLU B 13 -14.00 6.81 0.60
N VAL B 14 -13.10 7.22 -0.30
CA VAL B 14 -11.63 7.20 -0.03
C VAL B 14 -11.34 7.83 1.33
N TRP B 15 -12.01 8.94 1.63
CA TRP B 15 -11.64 9.81 2.77
C TRP B 15 -12.23 9.22 4.03
N LYS B 16 -13.41 8.62 3.88
CA LYS B 16 -14.17 7.94 4.97
C LYS B 16 -13.35 6.73 5.41
N ILE B 17 -13.01 5.85 4.47
CA ILE B 17 -12.14 4.67 4.75
C ILE B 17 -10.90 5.11 5.51
N MET B 18 -10.24 6.20 5.07
CA MET B 18 -9.02 6.72 5.76
C MET B 18 -9.40 7.23 7.15
N LEU B 19 -10.54 7.91 7.29
CA LEU B 19 -10.99 8.39 8.63
C LEU B 19 -11.40 7.18 9.47
N ASN B 20 -12.16 6.27 8.84
CA ASN B 20 -12.67 4.98 9.39
C ASN B 20 -11.48 4.18 9.92
N LYS B 21 -10.36 4.24 9.20
CA LYS B 21 -9.11 3.53 9.55
C LYS B 21 -8.60 4.08 10.88
N GLU B 22 -8.39 5.40 10.94
CA GLU B 22 -7.85 6.11 12.13
C GLU B 22 -8.59 5.61 13.37
N LYS B 23 -9.90 5.39 13.28
CA LYS B 23 -10.78 4.96 14.41
C LYS B 23 -10.42 3.54 14.85
N THR B 24 -10.27 2.57 13.94
CA THR B 24 -9.86 1.18 14.27
C THR B 24 -8.36 1.08 14.68
N TYR B 25 -7.62 2.18 14.83
CA TYR B 25 -6.19 2.21 15.29
C TYR B 25 -6.12 3.04 16.58
N LEU B 26 -6.21 2.40 17.74
CA LEU B 26 -6.24 3.13 19.04
C LEU B 26 -4.82 3.59 19.44
N ARG B 27 -4.75 4.65 20.24
CA ARG B 27 -3.52 5.19 20.88
C ARG B 27 -3.88 5.73 22.27
N ASP B 28 -2.92 5.80 23.18
CA ASP B 28 -3.16 6.14 24.60
C ASP B 28 -1.95 6.93 25.14
N GLN B 29 -2.12 8.24 25.30
CA GLN B 29 -1.16 9.15 25.95
C GLN B 29 -0.84 8.66 27.38
N HIS B 30 -1.72 7.84 27.98
CA HIS B 30 -1.62 7.31 29.39
C HIS B 30 -1.34 5.80 29.43
N PHE B 31 -0.61 5.25 28.44
CA PHE B 31 -0.23 3.81 28.41
C PHE B 31 0.94 3.53 29.35
N LEU B 32 1.77 4.53 29.69
CA LEU B 32 2.97 4.35 30.58
C LEU B 32 2.57 4.22 32.06
N GLU B 33 1.27 4.22 32.40
CA GLU B 33 0.76 3.96 33.77
C GLU B 33 0.44 2.46 33.93
N GLN B 34 0.25 1.75 32.81
CA GLN B 34 0.24 0.26 32.73
C GLN B 34 1.63 -0.27 33.14
N HIS B 35 2.69 0.52 32.94
CA HIS B 35 4.12 0.20 33.20
C HIS B 35 4.71 1.20 34.19
N PRO B 36 4.33 1.14 35.51
CA PRO B 36 4.56 2.24 36.46
C PRO B 36 6.04 2.40 36.83
N LEU B 37 6.88 1.42 36.43
CA LEU B 37 8.36 1.46 36.57
C LEU B 37 8.96 2.41 35.52
N LEU B 38 8.16 2.85 34.54
CA LEU B 38 8.65 3.60 33.34
C LEU B 38 8.26 5.09 33.44
N GLN B 39 9.18 5.96 32.99
CA GLN B 39 9.04 7.45 32.96
C GLN B 39 8.78 7.93 31.53
N PRO B 40 7.74 8.78 31.31
CA PRO B 40 7.51 9.44 30.01
C PRO B 40 8.75 9.88 29.23
N LYS B 41 9.77 10.39 29.91
CA LYS B 41 10.99 10.94 29.25
C LYS B 41 11.76 9.80 28.56
N MET B 42 11.62 8.57 29.06
CA MET B 42 12.30 7.35 28.50
C MET B 42 11.91 7.21 27.01
N ARG B 43 10.61 7.29 26.72
CA ARG B 43 10.02 7.16 25.36
C ARG B 43 10.64 8.18 24.41
N ALA B 44 10.62 9.46 24.77
CA ALA B 44 11.27 10.55 24.01
C ALA B 44 12.70 10.14 23.63
N ILE B 45 13.49 9.69 24.61
CA ILE B 45 14.94 9.38 24.40
C ILE B 45 15.04 8.33 23.29
N LEU B 46 14.15 7.34 23.38
CA LEU B 46 14.08 6.18 22.46
C LEU B 46 13.74 6.68 21.05
N LEU B 47 12.63 7.43 20.90
CA LEU B 47 12.16 7.92 19.58
C LEU B 47 13.23 8.86 19.02
N ASP B 48 13.88 9.68 19.86
CA ASP B 48 15.05 10.53 19.46
C ASP B 48 16.13 9.61 18.88
N TRP B 49 16.36 8.46 19.52
CA TRP B 49 17.36 7.45 19.07
C TRP B 49 16.97 6.91 17.68
N LEU B 50 15.78 6.31 17.52
CA LEU B 50 15.30 5.81 16.19
C LEU B 50 15.54 6.87 15.09
N MET B 51 15.13 8.12 15.31
CA MET B 51 15.28 9.20 14.29
C MET B 51 16.76 9.24 13.86
N GLU B 52 17.68 9.23 14.82
CA GLU B 52 19.14 9.21 14.53
C GLU B 52 19.41 8.07 13.53
N VAL B 53 19.16 6.84 13.97
CA VAL B 53 19.50 5.63 13.16
C VAL B 53 18.78 5.73 11.80
N CYS B 54 17.55 6.27 11.75
CA CYS B 54 16.81 6.46 10.47
C CYS B 54 17.63 7.37 9.53
N GLU B 55 18.22 8.46 10.04
CA GLU B 55 18.97 9.42 9.17
C GLU B 55 20.20 8.74 8.58
N VAL B 56 21.01 8.11 9.44
CA VAL B 56 22.26 7.38 9.04
C VAL B 56 21.95 6.41 7.89
N TYR B 57 20.93 5.58 8.08
CA TYR B 57 20.59 4.50 7.12
C TYR B 57 19.65 5.03 6.03
N LYS B 58 19.38 6.35 6.05
CA LYS B 58 18.65 7.10 4.98
C LYS B 58 17.26 6.49 4.79
N LEU B 59 16.62 6.16 5.91
CA LEU B 59 15.25 5.56 5.96
C LEU B 59 14.25 6.70 5.80
N HIS B 60 13.07 6.39 5.27
CA HIS B 60 11.97 7.36 5.01
C HIS B 60 11.31 7.80 6.34
N ARG B 61 10.73 9.00 6.41
CA ARG B 61 10.02 9.48 7.62
C ARG B 61 8.91 8.52 7.97
N GLU B 62 8.20 8.02 6.94
CA GLU B 62 7.11 7.02 7.02
C GLU B 62 7.62 5.80 7.79
N THR B 63 8.85 5.40 7.51
CA THR B 63 9.52 4.28 8.24
C THR B 63 9.65 4.67 9.70
N PHE B 64 10.18 5.86 10.02
CA PHE B 64 10.31 6.29 11.43
C PHE B 64 8.93 6.25 12.08
N TYR B 65 7.91 6.87 11.48
CA TYR B 65 6.59 7.06 12.14
C TYR B 65 5.87 5.71 12.31
N LEU B 66 6.16 4.73 11.43
CA LEU B 66 5.64 3.34 11.60
C LEU B 66 6.25 2.75 12.87
N ALA B 67 7.56 2.89 13.05
CA ALA B 67 8.28 2.45 14.28
C ALA B 67 7.57 3.06 15.50
N GLN B 68 7.50 4.39 15.57
CA GLN B 68 6.80 5.15 16.65
C GLN B 68 5.46 4.48 16.91
N ASP B 69 4.69 4.24 15.85
CA ASP B 69 3.27 3.86 16.03
C ASP B 69 3.19 2.39 16.44
N PHE B 70 4.17 1.58 16.05
CA PHE B 70 4.31 0.18 16.53
C PHE B 70 4.72 0.19 18.02
N PHE B 71 5.76 0.93 18.40
CA PHE B 71 6.12 1.18 19.82
C PHE B 71 4.84 1.45 20.66
N ASP B 72 4.15 2.58 20.46
CA ASP B 72 3.15 3.10 21.43
C ASP B 72 1.90 2.23 21.39
N ARG B 73 1.68 1.51 20.30
CA ARG B 73 0.46 0.68 20.21
C ARG B 73 0.73 -0.63 20.95
N TYR B 74 1.98 -1.10 20.87
CA TYR B 74 2.44 -2.38 21.45
C TYR B 74 2.40 -2.32 22.98
N MET B 75 2.95 -1.23 23.55
CA MET B 75 3.10 -0.99 25.02
C MET B 75 1.71 -1.00 25.66
N ALA B 76 0.71 -0.45 24.97
CA ALA B 76 -0.69 -0.36 25.45
C ALA B 76 -1.30 -1.75 25.64
N THR B 77 -0.74 -2.76 24.96
CA THR B 77 -1.23 -4.18 24.97
C THR B 77 -0.60 -4.90 26.15
N GLN B 78 0.62 -4.47 26.51
CA GLN B 78 1.54 -5.10 27.49
C GLN B 78 1.22 -4.65 28.94
N GLU B 79 2.11 -5.02 29.87
CA GLU B 79 2.09 -4.65 31.33
C GLU B 79 3.56 -4.53 31.80
N ASN B 80 3.83 -3.62 32.74
CA ASN B 80 5.00 -3.64 33.66
C ASN B 80 6.30 -4.01 32.93
N VAL B 81 6.51 -3.47 31.73
CA VAL B 81 7.82 -3.51 31.02
C VAL B 81 8.85 -2.70 31.83
N VAL B 82 10.12 -3.04 31.69
CA VAL B 82 11.27 -2.36 32.34
C VAL B 82 12.08 -1.64 31.27
N LYS B 83 12.76 -0.55 31.66
CA LYS B 83 13.70 0.23 30.82
C LYS B 83 14.63 -0.69 30.00
N THR B 84 15.06 -1.81 30.58
CA THR B 84 16.02 -2.79 29.98
C THR B 84 15.72 -3.04 28.49
N LEU B 85 14.51 -3.53 28.19
CA LEU B 85 14.08 -3.99 26.84
C LEU B 85 13.22 -2.90 26.17
N LEU B 86 13.57 -1.63 26.33
CA LEU B 86 13.00 -0.52 25.51
C LEU B 86 13.82 -0.43 24.22
N GLN B 87 15.15 -0.57 24.28
CA GLN B 87 15.99 -0.52 23.06
C GLN B 87 15.58 -1.65 22.10
N LEU B 88 15.32 -2.84 22.64
CA LEU B 88 14.96 -4.03 21.83
C LEU B 88 13.60 -3.79 21.18
N ILE B 89 12.60 -3.36 21.96
CA ILE B 89 11.20 -3.14 21.48
C ILE B 89 11.18 -2.08 20.36
N GLY B 90 11.96 -1.00 20.50
CA GLY B 90 12.02 0.09 19.51
C GLY B 90 12.76 -0.29 18.25
N ILE B 91 13.98 -0.85 18.35
CA ILE B 91 14.80 -1.22 17.15
C ILE B 91 14.10 -2.33 16.34
N SER B 92 13.30 -3.17 17.02
CA SER B 92 12.51 -4.29 16.44
C SER B 92 11.31 -3.73 15.67
N SER B 93 10.59 -2.77 16.28
CA SER B 93 9.63 -1.85 15.61
C SER B 93 10.26 -1.21 14.37
N LEU B 94 11.46 -0.63 14.45
CA LEU B 94 12.06 0.00 13.25
C LEU B 94 12.33 -1.06 12.18
N PHE B 95 12.56 -2.32 12.59
CA PHE B 95 13.00 -3.42 11.69
C PHE B 95 11.81 -3.84 10.83
N ILE B 96 10.69 -4.02 11.51
CA ILE B 96 9.37 -4.31 10.90
C ILE B 96 9.03 -3.18 9.93
N ALA B 97 9.08 -1.94 10.42
CA ALA B 97 8.82 -0.72 9.63
C ALA B 97 9.65 -0.77 8.36
N ALA B 98 10.97 -0.90 8.51
CA ALA B 98 11.93 -0.77 7.40
C ALA B 98 11.62 -1.83 6.33
N LYS B 99 11.23 -3.02 6.77
CA LYS B 99 10.87 -4.17 5.89
C LYS B 99 9.57 -3.85 5.17
N LEU B 100 8.66 -3.14 5.82
CA LEU B 100 7.38 -2.74 5.20
C LEU B 100 7.63 -1.67 4.15
N GLU B 101 8.41 -0.65 4.47
CA GLU B 101 8.41 0.63 3.70
C GLU B 101 9.56 0.75 2.64
N GLU B 102 10.77 0.23 2.86
CA GLU B 102 11.92 0.49 1.94
C GLU B 102 12.01 -0.56 0.82
N ILE B 103 12.28 -0.15 -0.42
CA ILE B 103 12.55 -1.06 -1.57
C ILE B 103 13.71 -2.02 -1.23
N TYR B 104 14.84 -1.52 -0.68
CA TYR B 104 16.03 -2.30 -0.24
C TYR B 104 16.34 -1.94 1.21
N PRO B 105 15.69 -2.62 2.19
CA PRO B 105 15.88 -2.30 3.60
C PRO B 105 17.33 -2.52 4.05
N PRO B 106 17.70 -2.13 5.29
CA PRO B 106 18.96 -2.58 5.85
C PRO B 106 18.78 -4.09 6.09
N LYS B 107 19.87 -4.78 6.48
CA LYS B 107 19.80 -6.23 6.79
C LYS B 107 19.70 -6.37 8.32
N LEU B 108 19.20 -7.51 8.79
CA LEU B 108 18.98 -7.77 10.24
C LEU B 108 20.22 -7.39 11.05
N HIS B 109 21.44 -7.66 10.59
CA HIS B 109 22.65 -7.53 11.44
C HIS B 109 22.92 -6.04 11.72
N GLN B 110 22.65 -5.15 10.75
CA GLN B 110 22.75 -3.68 10.94
C GLN B 110 21.88 -3.28 12.15
N PHE B 111 20.66 -3.79 12.26
CA PHE B 111 19.74 -3.46 13.38
C PHE B 111 20.32 -3.96 14.72
N ALA B 112 21.08 -5.06 14.73
CA ALA B 112 21.80 -5.55 15.95
C ALA B 112 23.06 -4.71 16.16
N TYR B 113 23.79 -4.37 15.09
CA TYR B 113 25.06 -3.58 15.12
C TYR B 113 24.84 -2.32 15.98
N VAL B 114 23.89 -1.48 15.56
CA VAL B 114 23.57 -0.18 16.20
C VAL B 114 23.33 -0.40 17.70
N THR B 115 22.71 -1.51 18.08
CA THR B 115 22.36 -1.81 19.51
C THR B 115 23.64 -1.87 20.37
N ASP B 116 24.84 -1.91 19.75
CA ASP B 116 26.14 -2.00 20.47
C ASP B 116 26.17 -3.36 21.21
N GLY B 117 25.52 -4.37 20.65
CA GLY B 117 25.40 -5.72 21.23
C GLY B 117 24.56 -5.77 22.50
N ALA B 118 23.74 -4.76 22.81
CA ALA B 118 22.70 -4.88 23.87
C ALA B 118 21.52 -5.71 23.33
N CYS B 119 21.42 -5.86 22.00
CA CYS B 119 20.43 -6.71 21.29
C CYS B 119 21.10 -7.60 20.24
N SER B 120 20.71 -8.88 20.22
CA SER B 120 21.15 -9.90 19.24
C SER B 120 20.11 -9.99 18.12
N GLY B 121 20.59 -10.23 16.89
CA GLY B 121 19.77 -10.51 15.68
C GLY B 121 18.55 -11.37 15.99
N ASP B 122 18.72 -12.36 16.89
CA ASP B 122 17.72 -13.41 17.18
C ASP B 122 16.87 -13.01 18.39
N GLU B 123 17.29 -11.99 19.15
CA GLU B 123 16.37 -11.30 20.10
C GLU B 123 15.39 -10.46 19.27
N ILE B 124 15.94 -9.75 18.29
CA ILE B 124 15.21 -8.87 17.34
C ILE B 124 14.10 -9.67 16.66
N LEU B 125 14.45 -10.83 16.09
CA LEU B 125 13.52 -11.78 15.40
C LEU B 125 12.48 -12.36 16.36
N THR B 126 12.80 -12.52 17.65
CA THR B 126 11.82 -12.96 18.69
C THR B 126 10.83 -11.82 18.92
N MET B 127 11.34 -10.61 19.15
CA MET B 127 10.52 -9.43 19.53
C MET B 127 9.56 -9.10 18.39
N GLU B 128 10.09 -9.05 17.16
CA GLU B 128 9.33 -8.68 15.93
C GLU B 128 8.08 -9.56 15.86
N LEU B 129 8.20 -10.84 16.19
CA LEU B 129 7.04 -11.76 16.17
C LEU B 129 6.06 -11.44 17.31
N MET B 130 6.54 -11.07 18.51
CA MET B 130 5.65 -10.73 19.65
C MET B 130 4.93 -9.41 19.35
N ILE B 131 5.68 -8.40 18.89
CA ILE B 131 5.11 -7.09 18.46
C ILE B 131 4.00 -7.40 17.47
N MET B 132 4.27 -8.20 16.44
CA MET B 132 3.32 -8.33 15.29
C MET B 132 2.09 -9.15 15.74
N LYS B 133 2.33 -10.21 16.52
CA LYS B 133 1.28 -11.03 17.22
C LYS B 133 0.49 -10.14 18.18
N ALA B 134 1.17 -9.28 18.96
CA ALA B 134 0.51 -8.38 19.95
C ALA B 134 -0.39 -7.34 19.23
N LEU B 135 0.07 -6.75 18.12
CA LEU B 135 -0.72 -5.72 17.40
C LEU B 135 -1.77 -6.39 16.53
N LYS B 136 -1.95 -7.71 16.69
CA LYS B 136 -2.86 -8.53 15.84
C LYS B 136 -2.51 -8.33 14.36
N TRP B 137 -1.23 -8.14 14.04
CA TRP B 137 -0.73 -7.95 12.64
C TRP B 137 -1.39 -6.74 11.94
N ARG B 138 -1.83 -5.71 12.69
CA ARG B 138 -2.36 -4.45 12.12
C ARG B 138 -1.19 -3.47 11.98
N LEU B 139 -0.53 -3.45 10.83
CA LEU B 139 0.79 -2.77 10.69
C LEU B 139 0.71 -1.70 9.59
N SER B 140 -0.52 -1.26 9.27
CA SER B 140 -0.86 -0.41 8.12
C SER B 140 -1.53 0.86 8.63
N PRO B 141 -1.01 1.54 9.68
CA PRO B 141 -1.63 2.77 10.16
C PRO B 141 -1.37 3.93 9.17
N LEU B 142 -2.22 4.95 9.22
CA LEU B 142 -1.87 6.29 8.70
C LEU B 142 -1.02 7.01 9.75
N THR B 143 0.30 7.06 9.51
CA THR B 143 1.28 7.81 10.33
C THR B 143 0.92 9.30 10.36
N ILE B 144 1.43 10.01 11.36
CA ILE B 144 1.48 11.49 11.48
C ILE B 144 2.04 12.06 10.18
N VAL B 145 3.21 11.60 9.72
CA VAL B 145 3.84 12.18 8.50
C VAL B 145 2.99 11.90 7.24
N SER B 146 2.34 10.74 7.17
CA SER B 146 1.48 10.41 5.99
C SER B 146 0.37 11.46 5.84
N TRP B 147 -0.15 12.03 6.93
CA TRP B 147 -1.20 13.08 6.80
C TRP B 147 -0.58 14.37 6.28
N LEU B 148 0.67 14.62 6.63
CA LEU B 148 1.32 15.85 6.16
C LEU B 148 1.49 15.72 4.64
N ASN B 149 1.85 14.52 4.14
CA ASN B 149 1.95 14.27 2.67
C ASN B 149 0.59 14.50 2.00
N VAL B 150 -0.49 13.92 2.53
CA VAL B 150 -1.86 14.26 2.05
C VAL B 150 -2.01 15.78 1.95
N TYR B 151 -1.92 16.46 3.08
CA TYR B 151 -2.30 17.90 3.17
C TYR B 151 -1.50 18.67 2.10
N MET B 152 -0.20 18.38 1.97
CA MET B 152 0.72 19.20 1.14
C MET B 152 0.29 19.05 -0.32
N GLN B 153 -0.05 17.83 -0.75
CA GLN B 153 -0.58 17.66 -2.12
C GLN B 153 -1.87 18.48 -2.28
N VAL B 154 -2.85 18.31 -1.40
CA VAL B 154 -4.15 19.03 -1.55
C VAL B 154 -3.90 20.53 -1.68
N ALA B 155 -2.95 21.08 -0.91
CA ALA B 155 -2.60 22.53 -0.90
C ALA B 155 -2.12 22.97 -2.29
N TYR B 156 -1.38 22.10 -3.00
CA TYR B 156 -0.83 22.33 -4.35
C TYR B 156 -1.58 21.48 -5.41
N LEU B 157 -2.77 21.99 -5.78
CA LEU B 157 -3.69 21.44 -6.80
C LEU B 157 -3.96 22.53 -7.84
N ASN B 158 -4.29 22.11 -9.07
CA ASN B 158 -4.51 22.95 -10.30
C ASN B 158 -5.89 22.61 -10.90
N ASP B 159 -5.95 22.34 -12.22
CA ASP B 159 -7.20 22.13 -13.02
C ASP B 159 -7.66 20.66 -12.92
N LEU B 160 -7.02 19.75 -13.67
CA LEU B 160 -7.29 18.27 -13.62
C LEU B 160 -6.76 17.78 -12.27
N HIS B 161 -7.64 17.73 -11.25
CA HIS B 161 -7.31 17.69 -9.80
C HIS B 161 -6.61 16.37 -9.42
N GLU B 162 -5.43 16.08 -10.00
CA GLU B 162 -4.64 14.84 -9.76
C GLU B 162 -4.06 14.90 -8.35
N VAL B 163 -4.53 14.04 -7.44
CA VAL B 163 -4.06 14.04 -6.04
C VAL B 163 -2.94 13.01 -5.87
N LEU B 164 -2.46 12.38 -6.97
CA LEU B 164 -1.63 11.13 -6.95
C LEU B 164 -0.18 11.38 -7.36
N LEU B 165 0.08 12.13 -8.43
CA LEU B 165 1.48 12.55 -8.77
C LEU B 165 1.85 13.72 -7.85
N PRO B 166 2.83 13.55 -6.92
CA PRO B 166 3.06 14.53 -5.84
C PRO B 166 3.70 15.83 -6.37
N GLN B 167 3.02 16.97 -6.17
CA GLN B 167 3.41 18.32 -6.66
C GLN B 167 3.29 19.29 -5.48
N TYR B 168 4.42 19.62 -4.86
CA TYR B 168 4.52 20.53 -3.67
C TYR B 168 6.00 20.82 -3.38
N PRO B 169 6.31 21.97 -2.71
CA PRO B 169 7.67 22.27 -2.23
C PRO B 169 8.23 21.52 -1.01
N GLN B 170 9.47 21.06 -1.18
CA GLN B 170 10.21 20.18 -0.24
C GLN B 170 10.57 20.94 1.03
N GLN B 171 10.89 22.24 0.95
CA GLN B 171 11.43 23.00 2.12
C GLN B 171 10.31 23.26 3.15
N ILE B 172 9.10 23.58 2.70
CA ILE B 172 7.91 23.75 3.58
C ILE B 172 7.61 22.43 4.31
N PHE B 173 7.69 21.31 3.59
CA PHE B 173 7.44 19.97 4.15
C PHE B 173 8.45 19.73 5.27
N ILE B 174 9.74 19.88 4.95
CA ILE B 174 10.85 19.74 5.96
C ILE B 174 10.49 20.55 7.19
N GLN B 175 10.06 21.80 7.03
CA GLN B 175 9.89 22.72 8.19
C GLN B 175 8.73 22.22 9.04
N ILE B 176 7.64 21.71 8.45
CA ILE B 176 6.48 21.26 9.28
C ILE B 176 6.84 19.91 9.93
N ALA B 177 7.63 19.11 9.23
CA ALA B 177 7.99 17.76 9.70
C ALA B 177 8.81 17.93 10.99
N GLU B 178 9.79 18.85 10.97
CA GLU B 178 10.58 19.26 12.17
C GLU B 178 9.66 19.48 13.37
N LEU B 179 8.55 20.21 13.20
CA LEU B 179 7.65 20.54 14.34
C LEU B 179 6.89 19.29 14.80
N LEU B 180 6.60 18.37 13.88
CA LEU B 180 5.82 17.15 14.23
C LEU B 180 6.74 16.19 14.95
N ASP B 181 7.97 16.04 14.43
CA ASP B 181 9.05 15.20 15.00
C ASP B 181 9.23 15.56 16.48
N LEU B 182 9.38 16.85 16.78
CA LEU B 182 9.57 17.31 18.18
C LEU B 182 8.34 16.94 19.00
N CYS B 183 7.16 17.13 18.42
CA CYS B 183 5.86 16.95 19.09
C CYS B 183 5.67 15.50 19.48
N VAL B 184 6.20 14.57 18.69
CA VAL B 184 5.94 13.12 18.89
C VAL B 184 6.65 12.67 20.18
N LEU B 185 7.94 13.00 20.34
CA LEU B 185 8.76 12.76 21.58
C LEU B 185 7.98 12.93 22.88
N ASP B 186 6.85 13.63 22.89
CA ASP B 186 6.07 13.84 24.14
C ASP B 186 4.74 13.09 24.02
N VAL B 187 4.54 12.15 24.96
CA VAL B 187 3.43 11.16 24.95
C VAL B 187 2.07 11.88 24.91
N ASP B 188 2.02 13.14 25.33
CA ASP B 188 0.75 13.91 25.38
C ASP B 188 0.18 14.04 23.96
N CYS B 189 1.05 14.08 22.93
CA CYS B 189 0.67 14.12 21.49
C CYS B 189 -0.38 13.03 21.18
N LEU B 190 -0.27 11.84 21.79
CA LEU B 190 -1.17 10.67 21.51
C LEU B 190 -2.59 10.96 21.98
N GLU B 191 -2.80 12.08 22.67
CA GLU B 191 -4.16 12.61 22.98
C GLU B 191 -4.86 12.91 21.65
N PHE B 192 -4.12 13.52 20.72
CA PHE B 192 -4.65 14.10 19.46
C PHE B 192 -4.55 13.07 18.35
N PRO B 193 -5.67 12.83 17.63
CA PRO B 193 -5.64 12.01 16.41
C PRO B 193 -4.55 12.53 15.45
N TYR B 194 -3.83 11.61 14.80
CA TYR B 194 -2.61 11.90 13.97
C TYR B 194 -2.96 12.93 12.87
N GLY B 195 -4.11 12.75 12.22
CA GLY B 195 -4.74 13.72 11.30
C GLY B 195 -4.72 15.14 11.86
N ILE B 196 -5.12 15.31 13.13
CA ILE B 196 -5.21 16.62 13.84
C ILE B 196 -3.79 17.14 14.12
N LEU B 197 -2.87 16.28 14.57
CA LEU B 197 -1.49 16.73 14.90
C LEU B 197 -0.88 17.35 13.65
N ALA B 198 -1.00 16.67 12.50
CA ALA B 198 -0.45 17.12 11.20
C ALA B 198 -1.15 18.41 10.80
N ALA B 199 -2.47 18.46 10.91
CA ALA B 199 -3.30 19.63 10.53
C ALA B 199 -2.85 20.81 11.36
N SER B 200 -2.65 20.55 12.65
CA SER B 200 -2.36 21.58 13.67
C SER B 200 -0.96 22.13 13.41
N ALA B 201 -0.04 21.28 12.97
CA ALA B 201 1.36 21.67 12.68
C ALA B 201 1.38 22.54 11.42
N LEU B 202 0.59 22.18 10.41
CA LEU B 202 0.52 22.97 9.16
C LEU B 202 -0.03 24.36 9.50
N TYR B 203 -1.12 24.41 10.27
CA TYR B 203 -1.73 25.67 10.74
C TYR B 203 -0.65 26.61 11.27
N HIS B 204 0.27 26.12 12.12
CA HIS B 204 1.32 26.98 12.72
C HIS B 204 2.24 27.55 11.64
N PHE B 205 2.37 26.85 10.52
CA PHE B 205 3.25 27.33 9.41
C PHE B 205 2.40 28.00 8.33
N SER B 206 1.11 28.27 8.57
CA SER B 206 0.18 28.80 7.53
C SER B 206 -1.05 29.47 8.17
N SER B 207 -2.25 28.91 8.03
CA SER B 207 -3.50 29.57 8.51
C SER B 207 -4.64 28.55 8.65
N SER B 208 -5.61 28.87 9.52
CA SER B 208 -6.87 28.11 9.71
C SER B 208 -7.56 27.87 8.36
N GLU B 209 -7.35 28.77 7.38
CA GLU B 209 -8.03 28.74 6.06
C GLU B 209 -7.40 27.64 5.22
N LEU B 210 -6.09 27.73 4.97
CA LEU B 210 -5.35 26.64 4.29
C LEU B 210 -5.60 25.30 4.99
N MET B 211 -5.46 25.25 6.32
CA MET B 211 -5.67 23.99 7.09
C MET B 211 -7.02 23.37 6.67
N GLN B 212 -8.12 24.13 6.69
CA GLN B 212 -9.49 23.63 6.36
C GLN B 212 -9.53 23.14 4.92
N LYS B 213 -8.91 23.87 4.00
CA LYS B 213 -8.96 23.53 2.55
C LYS B 213 -8.34 22.14 2.38
N VAL B 214 -7.23 21.85 3.08
CA VAL B 214 -6.35 20.65 2.87
C VAL B 214 -6.78 19.48 3.76
N SER B 215 -7.35 19.73 4.95
CA SER B 215 -7.61 18.72 6.01
C SER B 215 -9.10 18.44 6.14
N GLY B 216 -9.94 19.48 5.99
CA GLY B 216 -11.38 19.45 6.29
C GLY B 216 -11.62 20.06 7.67
N TYR B 217 -10.78 19.73 8.64
CA TYR B 217 -10.99 20.04 10.07
C TYR B 217 -11.27 21.55 10.25
N GLN B 218 -12.32 21.85 11.04
CA GLN B 218 -12.77 23.22 11.42
C GLN B 218 -11.90 23.70 12.58
N TRP B 219 -11.77 25.00 12.76
CA TRP B 219 -10.89 25.57 13.83
C TRP B 219 -11.11 24.83 15.16
N CYS B 220 -12.37 24.54 15.55
CA CYS B 220 -12.75 23.89 16.84
C CYS B 220 -12.13 22.48 16.97
N ASP B 221 -12.12 21.72 15.87
CA ASP B 221 -11.57 20.34 15.77
C ASP B 221 -10.10 20.34 16.21
N ILE B 222 -9.31 21.32 15.75
CA ILE B 222 -7.84 21.33 16.00
C ILE B 222 -7.53 22.30 17.14
N GLU B 223 -8.54 23.08 17.51
CA GLU B 223 -8.42 24.20 18.47
C GLU B 223 -7.51 23.75 19.62
N ASN B 224 -7.87 22.65 20.33
CA ASN B 224 -7.18 22.16 21.56
C ASN B 224 -5.77 21.68 21.21
N CYS B 225 -5.65 20.92 20.12
CA CYS B 225 -4.33 20.45 19.63
C CYS B 225 -3.45 21.68 19.41
N VAL B 226 -3.97 22.66 18.67
CA VAL B 226 -3.20 23.89 18.33
C VAL B 226 -2.64 24.51 19.61
N LYS B 227 -3.46 24.57 20.66
CA LYS B 227 -3.14 25.16 21.99
C LYS B 227 -2.02 24.35 22.66
N TRP B 228 -2.19 23.03 22.71
CA TRP B 228 -1.15 22.07 23.19
C TRP B 228 0.14 22.28 22.39
N MET B 229 0.06 22.49 21.08
CA MET B 229 1.26 22.48 20.18
C MET B 229 2.02 23.80 20.29
N VAL B 230 1.34 24.87 20.70
CA VAL B 230 1.88 26.26 20.80
C VAL B 230 3.35 26.23 21.23
N PRO B 231 3.67 25.73 22.47
CA PRO B 231 5.05 25.74 23.00
C PRO B 231 6.10 25.09 22.09
N PHE B 232 5.74 24.02 21.40
CA PHE B 232 6.65 23.27 20.50
C PHE B 232 6.84 24.13 19.25
N ALA B 233 5.75 24.73 18.79
CA ALA B 233 5.75 25.68 17.65
C ALA B 233 6.75 26.83 17.92
N MET B 234 6.55 27.62 18.98
CA MET B 234 7.35 28.85 19.25
C MET B 234 8.83 28.49 19.36
N VAL B 235 9.14 27.36 20.04
CA VAL B 235 10.52 26.89 20.32
C VAL B 235 11.27 26.61 18.99
N ILE B 236 10.53 26.19 17.95
CA ILE B 236 11.11 25.83 16.62
C ILE B 236 11.33 27.14 15.84
N ARG B 237 10.51 28.17 16.09
CA ARG B 237 10.58 29.52 15.41
C ARG B 237 11.67 30.36 16.07
N GLU B 238 11.83 30.27 17.42
CA GLU B 238 12.93 30.93 18.19
C GLU B 238 14.30 30.59 17.58
N THR B 239 14.45 29.45 16.91
CA THR B 239 15.76 28.91 16.45
C THR B 239 15.94 29.05 14.95
N GLY B 240 14.86 29.33 14.20
CA GLY B 240 14.86 29.33 12.72
C GLY B 240 14.52 27.95 12.16
N SER B 241 14.04 27.91 10.92
CA SER B 241 13.62 26.65 10.24
C SER B 241 14.86 26.06 9.56
N SER B 242 14.96 24.72 9.47
CA SER B 242 16.09 23.97 8.85
C SER B 242 15.97 23.92 7.30
N LYS B 243 17.03 23.42 6.63
CA LYS B 243 17.16 23.45 5.16
C LYS B 243 17.09 22.03 4.58
N LEU B 244 16.42 21.89 3.44
CA LEU B 244 16.33 20.61 2.70
C LEU B 244 17.75 20.21 2.35
N LYS B 245 18.18 19.02 2.78
CA LYS B 245 19.47 18.45 2.35
C LYS B 245 19.21 17.67 1.05
N HIS B 246 20.26 17.43 0.24
CA HIS B 246 20.31 16.35 -0.76
C HIS B 246 20.97 15.16 -0.05
N PHE B 247 20.54 13.93 -0.33
CA PHE B 247 21.14 12.71 0.28
C PHE B 247 21.84 11.88 -0.81
N ARG B 248 22.94 11.23 -0.42
CA ARG B 248 23.84 10.45 -1.30
C ARG B 248 23.07 9.26 -1.88
N GLY B 249 22.81 9.27 -3.20
CA GLY B 249 22.13 8.17 -3.92
C GLY B 249 20.61 8.34 -3.90
N VAL B 250 20.05 8.83 -2.79
CA VAL B 250 18.66 9.39 -2.74
C VAL B 250 18.59 10.52 -3.78
N ALA B 251 17.70 10.38 -4.75
CA ALA B 251 17.44 11.37 -5.82
C ALA B 251 17.15 12.75 -5.20
N ASP B 252 16.40 13.60 -5.90
CA ASP B 252 16.08 14.97 -5.41
C ASP B 252 14.57 15.09 -5.26
N GLU B 253 13.78 14.57 -6.22
CA GLU B 253 12.28 14.48 -6.14
C GLU B 253 11.87 13.65 -4.92
N ASP B 254 12.82 12.96 -4.27
CA ASP B 254 12.58 12.09 -3.09
C ASP B 254 13.29 12.59 -1.81
N ALA B 255 13.97 13.73 -1.83
CA ALA B 255 14.95 14.07 -0.75
C ALA B 255 14.26 14.54 0.53
N HIS B 256 13.05 15.12 0.46
CA HIS B 256 12.24 15.52 1.66
C HIS B 256 11.73 14.32 2.48
N ASN B 257 11.62 13.15 1.85
CA ASN B 257 10.95 11.95 2.41
C ASN B 257 11.92 11.21 3.33
N ILE B 258 13.22 11.49 3.19
CA ILE B 258 14.32 10.98 4.07
C ILE B 258 14.20 11.63 5.46
N GLN B 259 14.18 10.80 6.50
CA GLN B 259 14.16 11.21 7.92
C GLN B 259 15.50 11.89 8.24
N THR B 260 15.47 12.81 9.20
CA THR B 260 16.59 13.71 9.60
C THR B 260 16.60 13.84 11.13
N HIS B 261 17.75 14.24 11.66
CA HIS B 261 18.00 14.48 13.11
C HIS B 261 18.80 15.78 13.27
N ARG B 262 18.32 16.63 14.17
CA ARG B 262 19.08 17.74 14.79
C ARG B 262 18.94 17.52 16.29
N ASP B 263 19.65 18.31 17.09
CA ASP B 263 19.67 18.17 18.57
C ASP B 263 18.34 18.71 19.12
N SER B 264 17.29 17.89 19.03
CA SER B 264 15.93 18.13 19.57
C SER B 264 15.90 17.80 21.06
N LEU B 265 17.08 17.76 21.70
CA LEU B 265 17.31 17.46 23.14
C LEU B 265 16.59 18.54 23.99
N ASP B 266 17.27 19.64 24.31
CA ASP B 266 16.75 20.67 25.25
C ASP B 266 15.42 21.19 24.70
N LEU B 267 15.31 21.29 23.37
CA LEU B 267 14.15 21.88 22.62
C LEU B 267 12.82 21.36 23.20
N LEU B 268 12.73 20.07 23.51
CA LEU B 268 11.47 19.47 24.04
C LEU B 268 11.19 19.98 25.46
N ASP B 269 12.25 20.26 26.24
CA ASP B 269 12.19 20.59 27.69
C ASP B 269 11.54 21.97 27.88
N LYS B 270 11.84 22.93 27.00
CA LYS B 270 11.11 24.22 26.95
C LYS B 270 9.64 23.94 26.62
N ALA B 271 8.84 23.50 27.59
CA ALA B 271 7.45 23.02 27.44
C ALA B 271 7.13 21.95 28.50
#